data_5KEU
#
_entry.id   5KEU
#
_cell.length_a   108.270
_cell.length_b   133.130
_cell.length_c   55.440
_cell.angle_alpha   90.000
_cell.angle_beta   90.000
_cell.angle_gamma   90.000
#
_symmetry.space_group_name_H-M   'P 21 21 2'
#
loop_
_entity.id
_entity.type
_entity.pdbx_description
1 polymer 'Taurine dioxygenase'
2 non-polymer 'FORMIC ACID'
3 non-polymer 1,2-ETHANEDIOL
4 non-polymer 'MAGNESIUM ION'
5 water water
#
_entity_poly.entity_id   1
_entity_poly.type   'polypeptide(L)'
_entity_poly.pdbx_seq_one_letter_code
;MAHHHHHHMSAAALQETPSIQVKPLSAHIGAELHGVDLTRKLDPSEVAQIRAALLRWRVVFFREQFLTHEQHVAFSAQFG
EPTLGHPVFGHVDGHPEVYSISKYRKATRFEGQALLRPWTGWHTDVTAALNPPWASILRGVTIPPYGGDTQWTNLALAYE
KLSAPLRAFVDGLRGVHRFTPPAGASGTEAFVKAVEQRVLVTEHPLVRVHPETGERVLYVSPSFLKSIVGVTPRESEALL
ELLWEHATRPEFTVRFKWEAGSVAFWDNRATAHLAPTDIFDLDFDRQLYRTTLVGDVPVGPDGRQSVAIEGSPVSAAAAV
ALN
;
_entity_poly.pdbx_strand_id   A,B
#
# COMPACT_ATOMS: atom_id res chain seq x y z
N PRO A 18 -10.31 -20.89 -22.43
CA PRO A 18 -10.27 -19.44 -22.17
C PRO A 18 -9.01 -18.81 -22.72
N SER A 19 -9.15 -18.04 -23.81
CA SER A 19 -7.97 -17.56 -24.52
C SER A 19 -7.20 -16.50 -23.74
N ILE A 20 -7.87 -15.74 -22.87
CA ILE A 20 -7.21 -14.67 -22.13
C ILE A 20 -6.99 -15.12 -20.69
N GLN A 21 -5.72 -15.24 -20.31
CA GLN A 21 -5.36 -15.65 -18.96
C GLN A 21 -5.61 -14.50 -17.98
N VAL A 22 -6.30 -14.80 -16.89
CA VAL A 22 -6.63 -13.81 -15.86
C VAL A 22 -5.88 -14.18 -14.59
N LYS A 23 -4.96 -13.31 -14.16
CA LYS A 23 -4.14 -13.55 -12.97
C LYS A 23 -4.47 -12.52 -11.92
N PRO A 24 -5.30 -12.85 -10.93
CA PRO A 24 -5.65 -11.86 -9.91
C PRO A 24 -4.41 -11.43 -9.12
N LEU A 25 -4.47 -10.20 -8.61
CA LEU A 25 -3.32 -9.59 -7.93
C LEU A 25 -3.54 -9.39 -6.43
N SER A 26 -4.75 -9.57 -5.93
CA SER A 26 -5.05 -9.50 -4.51
C SER A 26 -6.35 -10.24 -4.29
N ALA A 27 -6.77 -10.36 -3.03
CA ALA A 27 -7.97 -11.14 -2.73
C ALA A 27 -9.19 -10.59 -3.45
N HIS A 28 -9.30 -9.25 -3.60
CA HIS A 28 -10.55 -8.71 -4.14
CA HIS A 28 -10.55 -8.70 -4.12
C HIS A 28 -10.38 -7.60 -5.17
N ILE A 29 -9.17 -7.32 -5.65
CA ILE A 29 -9.09 -6.27 -6.67
C ILE A 29 -7.81 -6.40 -7.49
N GLY A 30 -7.96 -6.28 -8.81
CA GLY A 30 -6.81 -6.24 -9.69
C GLY A 30 -6.51 -7.58 -10.32
N ALA A 31 -6.27 -7.58 -11.62
CA ALA A 31 -5.88 -8.79 -12.30
C ALA A 31 -5.05 -8.43 -13.51
N GLU A 32 -3.98 -9.18 -13.74
CA GLU A 32 -3.18 -9.02 -14.94
C GLU A 32 -3.69 -9.97 -16.00
N LEU A 33 -3.87 -9.47 -17.22
CA LEU A 33 -4.40 -10.26 -18.33
C LEU A 33 -3.30 -10.51 -19.35
N HIS A 34 -3.29 -11.72 -19.91
CA HIS A 34 -2.29 -12.12 -20.89
C HIS A 34 -2.96 -12.91 -21.99
N GLY A 35 -2.39 -12.82 -23.18
CA GLY A 35 -2.89 -13.54 -24.33
C GLY A 35 -3.75 -12.73 -25.27
N VAL A 36 -3.59 -11.41 -25.30
CA VAL A 36 -4.34 -10.56 -26.21
C VAL A 36 -3.40 -9.50 -26.77
N ASP A 37 -3.55 -9.18 -28.05
CA ASP A 37 -2.73 -8.19 -28.73
C ASP A 37 -3.57 -6.92 -28.91
N LEU A 38 -3.30 -5.91 -28.09
CA LEU A 38 -4.12 -4.70 -28.10
C LEU A 38 -3.84 -3.78 -29.28
N THR A 39 -2.83 -4.07 -30.10
CA THR A 39 -2.57 -3.23 -31.28
C THR A 39 -3.51 -3.54 -32.43
N ARG A 40 -4.30 -4.60 -32.32
CA ARG A 40 -5.22 -5.00 -33.36
C ARG A 40 -6.63 -5.10 -32.78
N LYS A 41 -7.62 -5.07 -33.65
CA LYS A 41 -9.01 -5.18 -33.19
C LYS A 41 -9.23 -6.50 -32.46
N LEU A 42 -9.94 -6.43 -31.33
CA LEU A 42 -10.29 -7.61 -30.57
C LEU A 42 -11.56 -8.22 -31.13
N ASP A 43 -11.64 -9.55 -31.13
CA ASP A 43 -12.88 -10.20 -31.56
C ASP A 43 -13.89 -10.17 -30.43
N PRO A 44 -15.16 -10.51 -30.70
CA PRO A 44 -16.19 -10.39 -29.65
C PRO A 44 -15.89 -11.21 -28.40
N SER A 45 -15.32 -12.41 -28.56
CA SER A 45 -14.98 -13.21 -27.38
C SER A 45 -13.91 -12.53 -26.53
N GLU A 46 -12.92 -11.89 -27.17
CA GLU A 46 -11.89 -11.20 -26.40
C GLU A 46 -12.48 -10.00 -25.66
N VAL A 47 -13.36 -9.24 -26.32
CA VAL A 47 -14.02 -8.12 -25.66
C VAL A 47 -14.80 -8.61 -24.45
N ALA A 48 -15.59 -9.67 -24.63
CA ALA A 48 -16.41 -10.18 -23.53
C ALA A 48 -15.55 -10.62 -22.36
N GLN A 49 -14.44 -11.31 -22.64
CA GLN A 49 -13.57 -11.79 -21.58
C GLN A 49 -12.97 -10.63 -20.80
N ILE A 50 -12.52 -9.60 -21.51
CA ILE A 50 -11.94 -8.45 -20.83
C ILE A 50 -12.99 -7.74 -19.99
N ARG A 51 -14.19 -7.56 -20.56
CA ARG A 51 -15.23 -6.88 -19.81
C ARG A 51 -15.61 -7.67 -18.55
N ALA A 52 -15.69 -9.00 -18.68
CA ALA A 52 -16.02 -9.83 -17.53
C ALA A 52 -14.94 -9.73 -16.46
N ALA A 53 -13.67 -9.79 -16.87
CA ALA A 53 -12.58 -9.67 -15.90
C ALA A 53 -12.61 -8.30 -15.24
N LEU A 54 -12.97 -7.27 -16.01
CA LEU A 54 -13.04 -5.92 -15.48
C LEU A 54 -14.14 -5.82 -14.43
N LEU A 55 -15.32 -6.37 -14.72
CA LEU A 55 -16.38 -6.36 -13.73
C LEU A 55 -16.01 -7.16 -12.49
N ARG A 56 -15.25 -8.25 -12.66
CA ARG A 56 -14.96 -9.09 -11.51
C ARG A 56 -13.84 -8.51 -10.66
N TRP A 57 -12.83 -7.93 -11.28
CA TRP A 57 -11.62 -7.52 -10.57
C TRP A 57 -11.44 -6.01 -10.47
N ARG A 58 -12.34 -5.22 -11.05
CA ARG A 58 -12.44 -3.76 -10.93
C ARG A 58 -11.39 -3.00 -11.72
N VAL A 59 -10.15 -3.49 -11.77
CA VAL A 59 -9.12 -2.91 -12.64
C VAL A 59 -8.30 -4.05 -13.24
N VAL A 60 -8.09 -4.00 -14.55
CA VAL A 60 -7.30 -5.04 -15.20
C VAL A 60 -6.10 -4.39 -15.86
N PHE A 61 -5.01 -5.14 -15.93
CA PHE A 61 -3.74 -4.63 -16.40
C PHE A 61 -3.22 -5.48 -17.54
N PHE A 62 -2.53 -4.83 -18.46
CA PHE A 62 -1.85 -5.51 -19.55
C PHE A 62 -0.40 -5.08 -19.54
N ARG A 63 0.48 -5.98 -20.00
CA ARG A 63 1.91 -5.71 -20.09
C ARG A 63 2.34 -5.83 -21.54
N GLU A 64 3.39 -5.08 -21.88
CA GLU A 64 4.04 -5.17 -23.20
C GLU A 64 3.05 -4.93 -24.33
N GLN A 65 2.18 -3.95 -24.18
CA GLN A 65 1.24 -3.51 -25.21
C GLN A 65 1.66 -2.11 -25.64
N PHE A 66 2.50 -2.04 -26.67
CA PHE A 66 3.07 -0.77 -27.11
C PHE A 66 2.15 -0.21 -28.19
N LEU A 67 1.38 0.81 -27.86
CA LEU A 67 0.31 1.29 -28.73
C LEU A 67 0.56 2.69 -29.25
N THR A 68 0.05 2.96 -30.45
CA THR A 68 -0.13 4.34 -30.90
C THR A 68 -1.37 4.95 -30.25
N HIS A 69 -1.45 6.28 -30.27
CA HIS A 69 -2.68 6.95 -29.83
C HIS A 69 -3.89 6.41 -30.58
N GLU A 70 -3.76 6.29 -31.90
CA GLU A 70 -4.85 5.78 -32.71
C GLU A 70 -5.30 4.41 -32.22
N GLN A 71 -4.35 3.51 -31.92
CA GLN A 71 -4.70 2.18 -31.45
C GLN A 71 -5.30 2.22 -30.05
N HIS A 72 -4.83 3.13 -29.21
CA HIS A 72 -5.40 3.32 -27.88
C HIS A 72 -6.86 3.75 -27.98
N VAL A 73 -7.17 4.66 -28.89
CA VAL A 73 -8.56 5.08 -29.07
C VAL A 73 -9.42 3.92 -29.59
N ALA A 74 -8.90 3.16 -30.56
CA ALA A 74 -9.66 2.06 -31.15
C ALA A 74 -9.97 1.00 -30.09
N PHE A 75 -8.98 0.65 -29.28
CA PHE A 75 -9.21 -0.27 -28.18
C PHE A 75 -10.31 0.25 -27.26
N SER A 76 -10.21 1.52 -26.86
CA SER A 76 -11.21 2.12 -25.96
C SER A 76 -12.59 2.05 -26.57
N ALA A 77 -12.68 2.31 -27.88
CA ALA A 77 -13.99 2.35 -28.52
C ALA A 77 -14.65 0.98 -28.58
N GLN A 78 -13.89 -0.10 -28.35
CA GLN A 78 -14.53 -1.41 -28.34
C GLN A 78 -15.30 -1.66 -27.05
N PHE A 79 -15.13 -0.81 -26.04
CA PHE A 79 -15.82 -0.98 -24.78
C PHE A 79 -16.81 0.12 -24.46
N GLY A 80 -16.79 1.22 -25.22
CA GLY A 80 -17.71 2.30 -24.94
C GLY A 80 -17.42 3.48 -25.84
N GLU A 81 -18.00 4.62 -25.47
CA GLU A 81 -17.88 5.84 -26.26
C GLU A 81 -16.76 6.67 -25.67
N PRO A 82 -15.64 6.87 -26.34
CA PRO A 82 -14.57 7.68 -25.76
C PRO A 82 -15.00 9.13 -25.57
N THR A 83 -14.67 9.67 -24.40
CA THR A 83 -14.90 11.08 -24.12
CA THR A 83 -14.93 11.08 -24.14
C THR A 83 -14.09 11.96 -25.06
N LEU A 84 -14.63 13.12 -25.40
CA LEU A 84 -13.93 14.06 -26.27
C LEU A 84 -13.45 15.29 -25.52
N GLY A 90 -4.60 18.79 -21.36
CA GLY A 90 -3.41 18.08 -21.82
C GLY A 90 -3.59 17.42 -23.18
N HIS A 91 -3.83 18.24 -24.19
CA HIS A 91 -4.28 17.73 -25.48
C HIS A 91 -3.18 16.94 -26.19
N VAL A 92 -3.60 15.92 -26.93
CA VAL A 92 -2.74 15.21 -27.87
C VAL A 92 -3.16 15.62 -29.27
N ASP A 93 -2.19 16.08 -30.07
CA ASP A 93 -2.51 16.57 -31.41
C ASP A 93 -3.19 15.47 -32.23
N GLY A 94 -4.30 15.81 -32.86
CA GLY A 94 -5.01 14.89 -33.74
C GLY A 94 -5.86 13.86 -33.03
N HIS A 95 -5.90 13.86 -31.70
CA HIS A 95 -6.59 12.81 -30.93
C HIS A 95 -7.25 13.45 -29.72
N PRO A 96 -8.40 14.09 -29.93
CA PRO A 96 -9.09 14.76 -28.80
C PRO A 96 -9.56 13.81 -27.71
N GLU A 97 -9.56 12.50 -27.94
CA GLU A 97 -9.91 11.49 -26.93
C GLU A 97 -8.78 11.22 -25.96
N VAL A 98 -7.56 11.61 -26.29
CA VAL A 98 -6.38 11.18 -25.54
C VAL A 98 -5.84 12.36 -24.74
N TYR A 99 -5.64 12.14 -23.45
CA TYR A 99 -5.12 13.16 -22.54
C TYR A 99 -3.71 12.79 -22.13
N SER A 100 -2.82 13.78 -22.15
CA SER A 100 -1.44 13.54 -21.77
C SER A 100 -1.27 13.65 -20.26
N ILE A 101 -0.67 12.63 -19.65
CA ILE A 101 -0.33 12.61 -18.23
C ILE A 101 1.19 12.72 -18.17
N SER A 102 1.71 13.92 -17.97
CA SER A 102 3.14 14.19 -18.06
C SER A 102 3.67 14.68 -16.72
N LYS A 103 4.89 14.27 -16.38
CA LYS A 103 5.54 14.80 -15.19
CA LYS A 103 5.55 14.80 -15.19
C LYS A 103 5.67 16.33 -15.29
N TYR A 104 6.11 16.82 -16.44
CA TYR A 104 6.31 18.24 -16.66
C TYR A 104 5.06 18.89 -17.28
N GLN A 113 3.03 21.99 1.90
CA GLN A 113 1.98 22.62 1.12
C GLN A 113 0.63 21.92 1.32
N ALA A 114 0.56 20.64 0.99
CA ALA A 114 -0.69 19.90 1.05
C ALA A 114 -0.96 19.40 2.47
N LEU A 115 -2.24 19.35 2.83
CA LEU A 115 -2.68 18.78 4.09
C LEU A 115 -2.88 17.28 3.87
N LEU A 116 -2.06 16.46 4.50
CA LEU A 116 -1.98 15.04 4.18
C LEU A 116 -2.77 14.22 5.20
N ARG A 117 -3.80 13.51 4.72
CA ARG A 117 -4.52 12.52 5.50
C ARG A 117 -4.48 11.20 4.73
N PRO A 118 -4.89 10.09 5.35
CA PRO A 118 -4.77 8.80 4.66
C PRO A 118 -5.53 8.73 3.36
N TRP A 119 -6.60 9.52 3.21
CA TRP A 119 -7.41 9.48 2.02
C TRP A 119 -7.00 10.53 1.00
N THR A 120 -5.97 11.34 1.30
CA THR A 120 -5.60 12.41 0.40
C THR A 120 -5.17 11.87 -0.96
N GLY A 121 -5.72 12.45 -2.02
CA GLY A 121 -5.38 12.05 -3.37
C GLY A 121 -6.26 10.95 -3.93
N TRP A 122 -6.95 10.22 -3.08
CA TRP A 122 -7.82 9.16 -3.56
C TRP A 122 -9.05 9.76 -4.22
N HIS A 123 -9.41 9.27 -5.41
CA HIS A 123 -10.57 9.85 -6.08
C HIS A 123 -11.11 8.90 -7.14
N THR A 124 -12.36 9.15 -7.51
CA THR A 124 -13.01 8.56 -8.67
C THR A 124 -13.13 9.65 -9.72
N ASP A 125 -12.84 9.34 -10.99
CA ASP A 125 -12.63 10.39 -11.98
C ASP A 125 -13.90 11.20 -12.26
N VAL A 126 -13.75 12.52 -12.22
CA VAL A 126 -14.78 13.49 -12.60
C VAL A 126 -16.13 13.23 -11.93
N THR A 127 -16.15 12.86 -10.66
CA THR A 127 -17.45 12.68 -10.02
C THR A 127 -18.13 14.00 -9.69
N ALA A 128 -17.48 15.15 -9.93
CA ALA A 128 -18.24 16.40 -9.86
C ALA A 128 -19.23 16.54 -11.00
N ALA A 129 -19.12 15.71 -12.04
CA ALA A 129 -20.04 15.77 -13.17
C ALA A 129 -21.29 14.93 -12.91
N LEU A 130 -22.35 15.25 -13.66
CA LEU A 130 -23.59 14.50 -13.55
C LEU A 130 -23.40 13.05 -14.01
N ASN A 131 -22.66 12.84 -15.10
CA ASN A 131 -22.40 11.48 -15.58
C ASN A 131 -20.90 11.25 -15.61
N PRO A 132 -20.31 10.80 -14.51
CA PRO A 132 -18.88 10.55 -14.50
C PRO A 132 -18.54 9.43 -15.47
N PRO A 133 -17.35 9.48 -16.08
CA PRO A 133 -16.98 8.43 -17.03
C PRO A 133 -16.97 7.07 -16.34
N TRP A 134 -17.52 6.06 -17.02
CA TRP A 134 -17.63 4.78 -16.32
C TRP A 134 -16.30 4.03 -16.27
N ALA A 135 -15.37 4.35 -17.16
CA ALA A 135 -14.08 3.66 -17.17
C ALA A 135 -13.01 4.59 -17.71
N SER A 136 -11.77 4.29 -17.35
CA SER A 136 -10.61 4.96 -17.92
C SER A 136 -9.60 3.91 -18.33
N ILE A 137 -8.82 4.24 -19.37
CA ILE A 137 -7.77 3.37 -19.88
C ILE A 137 -6.49 4.20 -19.94
N LEU A 138 -5.49 3.82 -19.15
CA LEU A 138 -4.26 4.58 -18.99
C LEU A 138 -3.09 3.73 -19.44
N ARG A 139 -2.26 4.26 -20.36
CA ARG A 139 -1.14 3.49 -20.88
C ARG A 139 0.18 4.21 -20.64
N GLY A 140 1.21 3.42 -20.34
CA GLY A 140 2.49 3.95 -19.91
C GLY A 140 3.46 3.95 -21.09
N VAL A 141 4.01 5.13 -21.37
CA VAL A 141 4.89 5.33 -22.52
C VAL A 141 6.32 5.60 -22.08
N THR A 142 6.52 6.60 -21.23
CA THR A 142 7.83 6.89 -20.64
C THR A 142 7.68 6.58 -19.16
N ILE A 143 8.34 5.52 -18.68
CA ILE A 143 8.06 4.98 -17.37
C ILE A 143 9.35 4.89 -16.56
N PRO A 144 9.41 5.50 -15.38
CA PRO A 144 10.64 5.46 -14.59
C PRO A 144 11.00 4.03 -14.23
N PRO A 145 12.29 3.73 -14.10
CA PRO A 145 12.71 2.43 -13.54
C PRO A 145 12.08 2.11 -12.21
N TYR A 146 11.86 3.13 -11.38
CA TYR A 146 11.15 2.97 -10.13
C TYR A 146 10.55 4.32 -9.76
N GLY A 147 9.55 4.28 -8.88
CA GLY A 147 8.75 5.43 -8.56
C GLY A 147 7.55 5.55 -9.48
N GLY A 148 6.47 6.11 -8.95
CA GLY A 148 5.30 6.39 -9.78
C GLY A 148 4.25 5.31 -9.83
N ASP A 149 4.21 4.41 -8.84
CA ASP A 149 3.16 3.40 -8.82
C ASP A 149 1.78 4.04 -8.66
N THR A 150 0.76 3.37 -9.16
CA THR A 150 -0.63 3.77 -8.95
C THR A 150 -1.34 2.74 -8.08
N GLN A 151 -2.31 3.21 -7.28
CA GLN A 151 -3.12 2.31 -6.48
C GLN A 151 -4.60 2.49 -6.79
N TRP A 152 -5.35 1.40 -6.58
CA TRP A 152 -6.81 1.41 -6.70
C TRP A 152 -7.41 0.78 -5.45
N THR A 153 -8.64 1.20 -5.12
CA THR A 153 -9.37 0.58 -4.03
C THR A 153 -10.74 0.12 -4.50
N ASN A 154 -11.25 -0.94 -3.88
CA ASN A 154 -12.49 -1.59 -4.28
C ASN A 154 -13.63 -1.02 -3.43
N LEU A 155 -14.43 -0.15 -4.03
CA LEU A 155 -15.50 0.52 -3.28
C LEU A 155 -16.77 -0.31 -3.18
N ALA A 156 -16.92 -1.37 -3.99
CA ALA A 156 -17.99 -2.35 -3.73
C ALA A 156 -17.70 -3.11 -2.45
N LEU A 157 -16.48 -3.61 -2.31
CA LEU A 157 -16.08 -4.30 -1.09
C LEU A 157 -16.18 -3.36 0.12
N ALA A 158 -15.73 -2.10 -0.03
CA ALA A 158 -15.82 -1.15 1.07
C ALA A 158 -17.26 -1.02 1.56
N TYR A 159 -18.23 -0.96 0.64
CA TYR A 159 -19.62 -0.93 1.06
C TYR A 159 -19.98 -2.20 1.84
N GLU A 160 -19.66 -3.36 1.27
CA GLU A 160 -20.02 -4.62 1.91
C GLU A 160 -19.39 -4.79 3.29
N LYS A 161 -18.24 -4.17 3.51
CA LYS A 161 -17.54 -4.31 4.78
C LYS A 161 -17.95 -3.29 5.81
N LEU A 162 -18.74 -2.27 5.45
CA LEU A 162 -19.44 -1.52 6.47
C LEU A 162 -20.34 -2.48 7.25
N SER A 163 -20.54 -2.19 8.53
CA SER A 163 -21.52 -2.96 9.29
C SER A 163 -22.93 -2.73 8.73
N ALA A 164 -23.84 -3.66 9.05
CA ALA A 164 -25.19 -3.55 8.51
C ALA A 164 -25.88 -2.24 8.86
N PRO A 165 -25.82 -1.72 10.10
CA PRO A 165 -26.47 -0.44 10.37
C PRO A 165 -25.85 0.71 9.59
N LEU A 166 -24.52 0.66 9.35
CA LEU A 166 -23.91 1.72 8.56
C LEU A 166 -24.30 1.60 7.09
N ARG A 167 -24.45 0.37 6.58
CA ARG A 167 -24.92 0.22 5.20
C ARG A 167 -26.31 0.81 5.04
N ALA A 168 -27.23 0.47 5.96
CA ALA A 168 -28.60 0.97 5.84
C ALA A 168 -28.62 2.48 5.93
N PHE A 169 -27.72 3.04 6.75
CA PHE A 169 -27.63 4.48 6.93
C PHE A 169 -27.13 5.18 5.67
N VAL A 170 -26.01 4.73 5.11
CA VAL A 170 -25.48 5.44 3.94
C VAL A 170 -26.34 5.18 2.72
N ASP A 171 -27.10 4.07 2.69
CA ASP A 171 -28.02 3.82 1.57
C ASP A 171 -28.92 5.02 1.28
N GLY A 172 -29.33 5.74 2.33
CA GLY A 172 -30.25 6.84 2.15
C GLY A 172 -29.63 8.20 2.04
N LEU A 173 -28.32 8.30 1.96
CA LEU A 173 -27.64 9.59 1.99
C LEU A 173 -27.21 10.01 0.59
N ARG A 174 -27.11 11.32 0.40
CA ARG A 174 -26.63 11.94 -0.83
C ARG A 174 -25.42 12.79 -0.50
N GLY A 175 -24.54 12.95 -1.48
CA GLY A 175 -23.32 13.72 -1.28
C GLY A 175 -23.11 14.71 -2.42
N VAL A 176 -22.56 15.87 -2.07
CA VAL A 176 -22.26 16.92 -3.02
C VAL A 176 -20.80 16.81 -3.44
N HIS A 177 -20.56 16.60 -4.74
CA HIS A 177 -19.23 16.56 -5.32
C HIS A 177 -18.96 17.87 -6.06
N ARG A 178 -17.77 18.45 -5.85
CA ARG A 178 -17.42 19.73 -6.46
C ARG A 178 -16.03 19.65 -7.06
N PHE A 179 -15.85 20.41 -8.13
CA PHE A 179 -14.57 20.61 -8.78
C PHE A 179 -14.53 22.05 -9.28
N THR A 180 -13.43 22.74 -8.99
CA THR A 180 -13.21 24.08 -9.54
C THR A 180 -11.93 24.06 -10.37
N PRO A 181 -11.99 24.41 -11.67
CA PRO A 181 -10.84 24.43 -12.58
C PRO A 181 -9.66 25.25 -12.06
N VAL A 199 -16.85 25.33 -13.27
CA VAL A 199 -17.20 24.89 -11.93
C VAL A 199 -18.36 23.89 -11.97
N LEU A 200 -18.10 22.68 -11.48
CA LEU A 200 -19.07 21.60 -11.50
C LEU A 200 -19.49 21.27 -10.08
N VAL A 201 -20.80 21.15 -9.85
CA VAL A 201 -21.35 20.69 -8.58
C VAL A 201 -22.48 19.72 -8.89
N THR A 202 -22.41 18.51 -8.34
CA THR A 202 -23.42 17.48 -8.60
C THR A 202 -23.75 16.77 -7.30
N GLU A 203 -25.03 16.48 -7.09
CA GLU A 203 -25.44 15.65 -5.97
C GLU A 203 -25.58 14.20 -6.45
N HIS A 204 -24.76 13.31 -5.88
CA HIS A 204 -24.77 11.89 -6.17
C HIS A 204 -25.26 11.09 -4.95
N PRO A 205 -25.80 9.90 -5.15
CA PRO A 205 -26.02 9.01 -4.00
C PRO A 205 -24.68 8.65 -3.36
N LEU A 206 -24.68 8.54 -2.03
CA LEU A 206 -23.49 8.03 -1.35
CA LEU A 206 -23.49 8.03 -1.36
C LEU A 206 -23.26 6.56 -1.68
N VAL A 207 -24.33 5.83 -2.02
CA VAL A 207 -24.25 4.43 -2.41
C VAL A 207 -24.73 4.35 -3.85
N ARG A 208 -23.84 4.00 -4.76
CA ARG A 208 -24.21 3.90 -6.17
C ARG A 208 -24.50 2.45 -6.52
N VAL A 209 -25.65 2.21 -7.15
CA VAL A 209 -25.99 0.85 -7.59
C VAL A 209 -25.36 0.62 -8.96
N HIS A 210 -24.46 -0.36 -9.02
CA HIS A 210 -23.71 -0.61 -10.24
C HIS A 210 -24.67 -1.03 -11.35
N PRO A 211 -24.64 -0.35 -12.51
CA PRO A 211 -25.66 -0.64 -13.55
C PRO A 211 -25.49 -2.00 -14.23
N GLU A 212 -24.32 -2.63 -14.17
CA GLU A 212 -24.16 -3.94 -14.81
C GLU A 212 -24.19 -5.09 -13.82
N THR A 213 -23.74 -4.90 -12.58
CA THR A 213 -23.70 -6.00 -11.61
C THR A 213 -24.76 -5.89 -10.53
N GLY A 214 -25.41 -4.74 -10.37
CA GLY A 214 -26.34 -4.53 -9.28
C GLY A 214 -25.69 -4.35 -7.93
N GLU A 215 -24.37 -4.35 -7.84
CA GLU A 215 -23.71 -4.21 -6.56
C GLU A 215 -23.82 -2.78 -6.04
N ARG A 216 -23.93 -2.66 -4.73
CA ARG A 216 -23.90 -1.34 -4.10
C ARG A 216 -22.45 -0.94 -3.86
N VAL A 217 -22.13 0.31 -4.21
CA VAL A 217 -20.76 0.82 -4.15
C VAL A 217 -20.74 2.02 -3.22
N LEU A 218 -19.75 2.07 -2.33
CA LEU A 218 -19.59 3.19 -1.42
C LEU A 218 -18.92 4.33 -2.21
N TYR A 219 -19.73 5.25 -2.73
CA TYR A 219 -19.33 6.14 -3.83
C TYR A 219 -18.78 7.46 -3.25
N VAL A 220 -17.62 7.35 -2.58
CA VAL A 220 -17.21 8.44 -1.70
C VAL A 220 -16.00 9.20 -2.21
N SER A 221 -15.61 9.02 -3.49
CA SER A 221 -14.66 9.84 -4.24
C SER A 221 -13.96 10.94 -3.42
N PRO A 222 -12.92 10.62 -2.66
CA PRO A 222 -12.50 11.53 -1.58
C PRO A 222 -12.01 12.90 -2.04
N SER A 223 -11.40 13.02 -3.23
CA SER A 223 -10.96 14.36 -3.66
C SER A 223 -12.12 15.28 -4.00
N PHE A 224 -13.28 14.75 -4.36
CA PHE A 224 -14.37 15.59 -4.88
C PHE A 224 -15.59 15.64 -3.98
N LEU A 225 -15.85 14.61 -3.19
CA LEU A 225 -17.01 14.62 -2.30
C LEU A 225 -16.76 15.60 -1.15
N LYS A 226 -17.62 16.62 -1.05
CA LYS A 226 -17.39 17.72 -0.10
C LYS A 226 -18.30 17.66 1.11
N SER A 227 -19.55 17.22 0.97
CA SER A 227 -20.47 17.23 2.11
C SER A 227 -21.57 16.20 1.87
N ILE A 228 -22.15 15.77 2.98
CA ILE A 228 -23.34 14.93 2.96
C ILE A 228 -24.57 15.81 3.08
N VAL A 229 -25.54 15.64 2.17
CA VAL A 229 -26.70 16.50 2.16
C VAL A 229 -27.55 16.25 3.39
N GLY A 230 -28.05 17.32 3.99
CA GLY A 230 -29.10 17.22 4.98
C GLY A 230 -28.63 16.97 6.39
N VAL A 231 -27.32 16.91 6.62
CA VAL A 231 -26.79 16.76 7.97
C VAL A 231 -25.97 18.02 8.29
N THR A 232 -25.66 18.21 9.58
CA THR A 232 -24.91 19.40 9.95
C THR A 232 -23.47 19.32 9.45
N PRO A 233 -22.78 20.46 9.38
CA PRO A 233 -21.40 20.45 8.87
C PRO A 233 -20.49 19.54 9.66
N ARG A 234 -20.61 19.50 10.99
CA ARG A 234 -19.74 18.61 11.75
C ARG A 234 -20.12 17.15 11.56
N GLU A 235 -21.43 16.85 11.55
CA GLU A 235 -21.85 15.50 11.24
C GLU A 235 -21.30 15.05 9.89
N SER A 236 -21.36 15.94 8.88
CA SER A 236 -20.86 15.56 7.57
C SER A 236 -19.37 15.29 7.62
N GLU A 237 -18.63 16.20 8.25
CA GLU A 237 -17.18 16.06 8.34
C GLU A 237 -16.79 14.75 9.02
N ALA A 238 -17.41 14.46 10.16
CA ALA A 238 -17.04 13.27 10.93
C ALA A 238 -17.39 12.01 10.17
N LEU A 239 -18.56 11.98 9.52
CA LEU A 239 -18.95 10.79 8.79
C LEU A 239 -18.10 10.59 7.56
N LEU A 240 -17.77 11.67 6.84
CA LEU A 240 -16.91 11.50 5.69
C LEU A 240 -15.53 10.97 6.10
N GLU A 241 -14.96 11.50 7.19
CA GLU A 241 -13.65 10.97 7.61
C GLU A 241 -13.76 9.49 7.97
N LEU A 242 -14.85 9.09 8.62
CA LEU A 242 -15.06 7.68 8.91
C LEU A 242 -15.10 6.84 7.64
N LEU A 243 -15.90 7.26 6.65
CA LEU A 243 -16.05 6.49 5.42
C LEU A 243 -14.78 6.51 4.57
N TRP A 244 -14.04 7.62 4.58
CA TRP A 244 -12.82 7.72 3.77
C TRP A 244 -11.70 6.86 4.35
N GLU A 245 -11.53 6.90 5.67
CA GLU A 245 -10.63 5.97 6.36
CA GLU A 245 -10.59 5.98 6.28
C GLU A 245 -10.97 4.53 5.99
N HIS A 246 -12.27 4.22 6.02
CA HIS A 246 -12.70 2.87 5.74
C HIS A 246 -12.43 2.50 4.28
N ALA A 247 -12.73 3.40 3.35
CA ALA A 247 -12.61 3.11 1.93
C ALA A 247 -11.17 2.86 1.49
N THR A 248 -10.19 3.26 2.29
CA THR A 248 -8.79 3.10 1.92
C THR A 248 -8.05 2.08 2.78
N ARG A 249 -8.78 1.17 3.44
CA ARG A 249 -8.14 0.04 4.09
C ARG A 249 -7.19 -0.64 3.11
N PRO A 250 -5.96 -0.99 3.54
CA PRO A 250 -5.03 -1.66 2.62
C PRO A 250 -5.58 -2.91 2.01
N GLU A 251 -6.38 -3.67 2.77
CA GLU A 251 -6.90 -4.92 2.23
C GLU A 251 -7.94 -4.70 1.14
N PHE A 252 -8.36 -3.46 0.89
CA PHE A 252 -9.25 -3.17 -0.23
C PHE A 252 -8.50 -2.72 -1.47
N THR A 253 -7.17 -2.67 -1.42
CA THR A 253 -6.40 -1.99 -2.46
C THR A 253 -5.51 -2.94 -3.25
N VAL A 254 -5.08 -2.44 -4.41
CA VAL A 254 -4.03 -3.07 -5.20
C VAL A 254 -3.10 -1.97 -5.67
N ARG A 255 -1.81 -2.28 -5.75
CA ARG A 255 -0.79 -1.35 -6.22
C ARG A 255 -0.18 -1.90 -7.50
N PHE A 256 0.13 -1.00 -8.45
CA PHE A 256 0.66 -1.39 -9.76
C PHE A 256 1.95 -0.63 -10.01
N LYS A 257 3.03 -1.36 -10.27
CA LYS A 257 4.27 -0.75 -10.75
C LYS A 257 4.26 -0.75 -12.28
N TRP A 258 4.28 0.44 -12.87
CA TRP A 258 4.26 0.59 -14.31
C TRP A 258 5.55 0.10 -14.94
N GLU A 259 5.42 -0.37 -16.16
CA GLU A 259 6.54 -0.48 -17.09
C GLU A 259 6.08 0.08 -18.43
N ALA A 260 7.05 0.46 -19.25
CA ALA A 260 6.73 0.87 -20.61
C ALA A 260 5.87 -0.21 -21.27
N GLY A 261 4.82 0.23 -21.95
CA GLY A 261 3.88 -0.68 -22.59
C GLY A 261 2.82 -1.24 -21.69
N SER A 262 2.78 -0.85 -20.42
CA SER A 262 1.72 -1.31 -19.54
C SER A 262 0.44 -0.50 -19.77
N VAL A 263 -0.69 -1.14 -19.47
CA VAL A 263 -2.00 -0.51 -19.61
C VAL A 263 -2.82 -0.86 -18.38
N ALA A 264 -3.53 0.13 -17.83
CA ALA A 264 -4.50 -0.09 -16.76
C ALA A 264 -5.87 0.34 -17.25
N PHE A 265 -6.87 -0.50 -17.00
CA PHE A 265 -8.24 -0.31 -17.49
C PHE A 265 -9.12 -0.53 -16.27
N TRP A 266 -9.77 0.52 -15.75
CA TRP A 266 -10.52 0.36 -14.50
C TRP A 266 -11.96 0.84 -14.62
N ASP A 267 -12.79 0.25 -13.78
CA ASP A 267 -14.21 0.55 -13.68
C ASP A 267 -14.38 1.64 -12.64
N ASN A 268 -14.60 2.88 -13.11
CA ASN A 268 -14.85 4.00 -12.21
C ASN A 268 -16.15 3.89 -11.43
N ARG A 269 -17.04 2.98 -11.81
CA ARG A 269 -18.27 2.85 -11.04
C ARG A 269 -18.05 2.08 -9.74
N ALA A 270 -16.88 1.48 -9.55
CA ALA A 270 -16.66 0.63 -8.39
C ALA A 270 -15.31 0.86 -7.73
N THR A 271 -14.55 1.88 -8.13
CA THR A 271 -13.20 2.09 -7.62
C THR A 271 -12.97 3.56 -7.35
N ALA A 272 -11.94 3.81 -6.54
CA ALA A 272 -11.21 5.07 -6.57
C ALA A 272 -9.74 4.72 -6.76
N HIS A 273 -8.95 5.72 -7.14
CA HIS A 273 -7.53 5.45 -7.37
C HIS A 273 -6.67 6.58 -6.82
N LEU A 274 -5.37 6.32 -6.76
CA LEU A 274 -4.40 7.19 -6.12
C LEU A 274 -3.20 7.37 -7.03
N ALA A 275 -3.03 8.58 -7.59
CA ALA A 275 -1.85 8.86 -8.40
C ALA A 275 -0.61 9.02 -7.52
N PRO A 276 0.58 8.74 -8.05
CA PRO A 276 1.78 8.78 -7.21
C PRO A 276 2.22 10.19 -6.88
N THR A 277 2.80 10.32 -5.69
CA THR A 277 3.60 11.49 -5.36
C THR A 277 5.07 11.16 -5.14
N ASP A 278 5.45 9.89 -4.94
CA ASP A 278 6.86 9.59 -4.71
C ASP A 278 7.73 9.95 -5.91
N ILE A 279 7.11 10.12 -7.09
CA ILE A 279 7.86 10.35 -8.31
C ILE A 279 8.42 11.77 -8.40
N PHE A 280 7.93 12.68 -7.57
CA PHE A 280 8.46 14.05 -7.65
C PHE A 280 9.84 14.16 -7.03
N ASP A 281 10.25 13.18 -6.24
CA ASP A 281 11.56 13.12 -5.62
C ASP A 281 12.64 12.59 -6.54
N LEU A 282 12.33 12.24 -7.79
CA LEU A 282 13.29 11.59 -8.66
C LEU A 282 13.41 12.34 -9.98
N ASP A 283 14.59 12.24 -10.58
N ASP A 283 14.55 12.20 -10.64
CA ASP A 283 14.88 12.79 -11.91
CA ASP A 283 14.78 12.91 -11.90
C ASP A 283 14.68 11.73 -12.98
C ASP A 283 14.12 12.27 -13.12
N PHE A 284 13.51 11.08 -12.95
CA PHE A 284 13.03 10.28 -14.06
C PHE A 284 11.83 10.95 -14.70
N ASP A 285 11.80 10.98 -16.03
CA ASP A 285 10.61 11.45 -16.72
C ASP A 285 9.48 10.43 -16.59
N ARG A 286 8.24 10.89 -16.68
CA ARG A 286 7.11 9.98 -16.58
C ARG A 286 6.00 10.48 -17.49
N GLN A 287 5.58 9.66 -18.45
CA GLN A 287 4.61 10.09 -19.44
C GLN A 287 3.63 8.96 -19.70
N LEU A 288 2.34 9.23 -19.46
CA LEU A 288 1.27 8.28 -19.76
C LEU A 288 0.20 9.01 -20.57
N TYR A 289 -0.74 8.25 -21.10
CA TYR A 289 -1.83 8.81 -21.91
C TYR A 289 -3.12 8.11 -21.50
N ARG A 290 -4.21 8.88 -21.45
CA ARG A 290 -5.46 8.36 -20.90
C ARG A 290 -6.63 8.59 -21.85
N THR A 291 -7.49 7.59 -21.96
CA THR A 291 -8.81 7.77 -22.54
C THR A 291 -9.84 7.48 -21.47
N THR A 292 -11.06 7.97 -21.65
CA THR A 292 -12.13 7.63 -20.70
C THR A 292 -13.40 7.39 -21.51
N LEU A 293 -14.31 6.62 -20.93
CA LEU A 293 -15.52 6.20 -21.61
C LEU A 293 -16.72 6.88 -20.98
N VAL A 294 -17.58 7.45 -21.81
CA VAL A 294 -18.74 8.21 -21.34
C VAL A 294 -19.62 7.34 -20.47
N GLY A 295 -19.99 7.85 -19.30
CA GLY A 295 -20.79 7.11 -18.35
C GLY A 295 -22.24 7.54 -18.31
N ASP A 296 -23.02 6.80 -17.54
CA ASP A 296 -24.42 7.11 -17.34
C ASP A 296 -24.61 7.85 -16.03
N VAL A 297 -25.83 8.30 -15.78
CA VAL A 297 -26.10 9.02 -14.54
C VAL A 297 -26.23 8.00 -13.40
N PRO A 298 -25.50 8.16 -12.30
CA PRO A 298 -25.61 7.22 -11.18
C PRO A 298 -27.01 7.18 -10.58
N VAL A 299 -27.29 6.06 -9.92
N VAL A 299 -27.35 6.04 -9.99
CA VAL A 299 -28.56 5.81 -9.25
CA VAL A 299 -28.59 5.94 -9.21
C VAL A 299 -28.28 5.24 -7.87
C VAL A 299 -28.28 5.28 -7.87
N GLY A 300 -29.04 5.70 -6.86
CA GLY A 300 -28.94 5.16 -5.52
C GLY A 300 -29.88 3.98 -5.29
N PRO A 301 -29.79 3.36 -4.11
CA PRO A 301 -30.65 2.19 -3.83
C PRO A 301 -32.13 2.52 -3.87
N ASP A 302 -32.51 3.79 -3.75
CA ASP A 302 -33.90 4.22 -3.87
C ASP A 302 -34.29 4.54 -5.30
N GLY A 303 -33.41 4.29 -6.26
CA GLY A 303 -33.73 4.58 -7.63
C GLY A 303 -33.58 6.03 -8.04
N ARG A 304 -33.17 6.90 -7.13
CA ARG A 304 -33.06 8.33 -7.45
C ARG A 304 -31.78 8.59 -8.23
N GLN A 305 -31.91 9.21 -9.41
CA GLN A 305 -30.73 9.61 -10.16
C GLN A 305 -30.02 10.76 -9.46
N SER A 306 -28.73 10.88 -9.73
CA SER A 306 -27.98 12.06 -9.36
C SER A 306 -28.62 13.31 -9.96
N VAL A 307 -28.33 14.47 -9.37
CA VAL A 307 -28.93 15.73 -9.77
C VAL A 307 -27.82 16.77 -9.98
N ALA A 308 -27.78 17.37 -11.17
CA ALA A 308 -26.84 18.46 -11.41
C ALA A 308 -27.23 19.68 -10.58
N ILE A 309 -26.24 20.33 -9.98
CA ILE A 309 -26.43 21.57 -9.24
C ILE A 309 -25.84 22.76 -9.98
N GLU A 310 -24.64 22.61 -10.53
CA GLU A 310 -24.03 23.65 -11.35
C GLU A 310 -23.13 22.98 -12.38
N GLY A 311 -23.12 23.53 -13.60
CA GLY A 311 -22.27 23.03 -14.67
C GLY A 311 -23.01 22.39 -15.82
N ALA A 317 -15.22 19.44 -18.94
CA ALA A 317 -14.12 19.18 -19.87
C ALA A 317 -12.76 19.27 -19.15
N ALA A 318 -12.61 20.28 -18.31
CA ALA A 318 -11.34 20.47 -17.60
C ALA A 318 -11.08 19.37 -16.58
N ALA A 319 -12.14 18.85 -15.96
CA ALA A 319 -12.00 17.74 -15.03
C ALA A 319 -11.79 16.41 -15.75
N VAL A 320 -12.23 16.31 -17.01
CA VAL A 320 -11.96 15.11 -17.80
C VAL A 320 -10.48 15.03 -18.17
N ALA A 321 -9.82 16.18 -18.33
CA ALA A 321 -8.42 16.19 -18.72
C ALA A 321 -7.47 16.08 -17.54
N LEU A 322 -7.97 16.26 -16.32
CA LEU A 322 -7.12 16.41 -15.15
C LEU A 322 -7.24 15.26 -14.15
N ASN A 323 -8.47 14.90 -13.76
CA ASN A 323 -8.70 13.95 -12.66
C ASN A 323 -8.05 12.57 -12.90
N PRO B 18 30.01 -4.85 -10.16
CA PRO B 18 29.04 -5.26 -9.14
C PRO B 18 28.29 -6.53 -9.53
N SER B 19 28.58 -7.64 -8.86
CA SER B 19 28.00 -8.91 -9.27
C SER B 19 26.52 -8.99 -8.97
N ILE B 20 26.03 -8.21 -8.01
CA ILE B 20 24.64 -8.31 -7.60
C ILE B 20 23.87 -7.12 -8.16
N GLN B 21 22.92 -7.41 -9.04
CA GLN B 21 22.05 -6.39 -9.60
C GLN B 21 21.03 -5.91 -8.57
N VAL B 22 20.91 -4.59 -8.39
CA VAL B 22 20.01 -3.97 -7.42
C VAL B 22 18.92 -3.21 -8.18
N LYS B 23 17.67 -3.67 -8.08
CA LYS B 23 16.55 -3.04 -8.77
C LYS B 23 15.60 -2.39 -7.77
N PRO B 24 15.71 -1.09 -7.52
CA PRO B 24 14.81 -0.43 -6.56
C PRO B 24 13.34 -0.55 -6.97
N LEU B 25 12.47 -0.57 -5.97
CA LEU B 25 11.05 -0.79 -6.21
C LEU B 25 10.17 0.42 -5.95
N SER B 26 10.70 1.49 -5.37
CA SER B 26 9.97 2.73 -5.16
C SER B 26 11.02 3.82 -4.98
N ALA B 27 10.57 5.05 -4.78
CA ALA B 27 11.53 6.15 -4.71
C ALA B 27 12.49 5.98 -3.54
N HIS B 28 12.00 5.44 -2.41
CA HIS B 28 12.82 5.45 -1.19
CA HIS B 28 12.82 5.45 -1.21
C HIS B 28 12.84 4.15 -0.42
N ILE B 29 12.19 3.09 -0.88
CA ILE B 29 12.25 1.86 -0.10
C ILE B 29 12.01 0.67 -1.01
N GLY B 30 12.81 -0.38 -0.78
CA GLY B 30 12.61 -1.66 -1.43
C GLY B 30 13.50 -1.85 -2.64
N ALA B 31 14.15 -3.01 -2.75
CA ALA B 31 14.92 -3.32 -3.95
C ALA B 31 14.99 -4.83 -4.13
N GLU B 32 14.83 -5.25 -5.37
CA GLU B 32 14.96 -6.65 -5.73
C GLU B 32 16.39 -6.90 -6.17
N LEU B 33 17.02 -7.95 -5.61
CA LEU B 33 18.39 -8.30 -5.94
C LEU B 33 18.43 -9.54 -6.83
N HIS B 34 19.33 -9.55 -7.80
CA HIS B 34 19.50 -10.69 -8.70
C HIS B 34 20.98 -10.92 -8.88
N GLY B 35 21.33 -12.16 -9.20
CA GLY B 35 22.71 -12.54 -9.45
C GLY B 35 23.43 -13.21 -8.29
N VAL B 36 22.70 -13.74 -7.32
CA VAL B 36 23.32 -14.40 -6.18
C VAL B 36 22.52 -15.66 -5.86
N ASP B 37 23.21 -16.72 -5.45
CA ASP B 37 22.59 -18.01 -5.16
C ASP B 37 22.63 -18.22 -3.65
N LEU B 38 21.47 -18.06 -3.00
CA LEU B 38 21.43 -18.14 -1.55
C LEU B 38 21.54 -19.57 -1.03
N THR B 39 21.56 -20.59 -1.90
CA THR B 39 21.74 -21.95 -1.43
C THR B 39 23.19 -22.27 -1.09
N ARG B 40 24.13 -21.44 -1.51
CA ARG B 40 25.54 -21.67 -1.24
C ARG B 40 26.09 -20.49 -0.46
N LYS B 41 27.23 -20.69 0.19
CA LYS B 41 27.80 -19.64 1.02
C LYS B 41 28.20 -18.43 0.16
N LEU B 42 27.90 -17.24 0.67
CA LEU B 42 28.24 -16.00 -0.03
C LEU B 42 29.69 -15.63 0.24
N ASP B 43 30.38 -15.09 -0.78
CA ASP B 43 31.72 -14.60 -0.55
C ASP B 43 31.63 -13.22 0.10
N PRO B 44 32.74 -12.72 0.64
CA PRO B 44 32.68 -11.42 1.36
C PRO B 44 32.13 -10.29 0.50
N SER B 45 32.42 -10.28 -0.80
CA SER B 45 31.89 -9.22 -1.66
C SER B 45 30.37 -9.29 -1.77
N GLU B 46 29.82 -10.50 -1.85
CA GLU B 46 28.37 -10.63 -1.92
C GLU B 46 27.70 -10.20 -0.63
N VAL B 47 28.28 -10.61 0.51
CA VAL B 47 27.79 -10.16 1.81
C VAL B 47 27.76 -8.64 1.88
N ALA B 48 28.88 -8.02 1.49
CA ALA B 48 28.97 -6.57 1.58
C ALA B 48 27.95 -5.89 0.67
N GLN B 49 27.76 -6.44 -0.54
CA GLN B 49 26.82 -5.83 -1.47
C GLN B 49 25.40 -5.91 -0.94
N ILE B 50 25.03 -7.07 -0.38
CA ILE B 50 23.69 -7.22 0.16
C ILE B 50 23.50 -6.30 1.36
N ARG B 51 24.51 -6.23 2.22
CA ARG B 51 24.44 -5.34 3.38
C ARG B 51 24.28 -3.89 2.94
N ALA B 52 25.03 -3.46 1.93
CA ALA B 52 24.91 -2.07 1.47
C ALA B 52 23.54 -1.79 0.87
N ALA B 53 23.01 -2.74 0.09
CA ALA B 53 21.68 -2.53 -0.49
C ALA B 53 20.63 -2.48 0.60
N LEU B 54 20.82 -3.26 1.65
CA LEU B 54 19.89 -3.27 2.77
C LEU B 54 19.88 -1.93 3.49
N LEU B 55 21.07 -1.38 3.77
CA LEU B 55 21.12 -0.07 4.42
C LEU B 55 20.52 1.02 3.52
N ARG B 56 20.72 0.90 2.21
CA ARG B 56 20.25 1.95 1.31
C ARG B 56 18.76 1.85 1.02
N TRP B 57 18.23 0.63 0.90
CA TRP B 57 16.85 0.44 0.46
C TRP B 57 15.94 -0.13 1.53
N ARG B 58 16.48 -0.45 2.72
CA ARG B 58 15.72 -0.80 3.93
C ARG B 58 15.15 -2.21 3.91
N VAL B 59 14.66 -2.69 2.78
CA VAL B 59 14.26 -4.08 2.64
C VAL B 59 14.68 -4.54 1.25
N VAL B 60 15.29 -5.72 1.17
CA VAL B 60 15.70 -6.25 -0.13
C VAL B 60 15.01 -7.59 -0.34
N PHE B 61 14.74 -7.90 -1.61
CA PHE B 61 13.98 -9.07 -1.98
C PHE B 61 14.78 -9.93 -2.95
N PHE B 62 14.61 -11.25 -2.81
CA PHE B 62 15.17 -12.21 -3.75
C PHE B 62 14.03 -13.07 -4.30
N ARG B 63 14.20 -13.58 -5.51
CA ARG B 63 13.22 -14.45 -6.14
C ARG B 63 13.89 -15.78 -6.51
N GLU B 64 13.08 -16.84 -6.54
CA GLU B 64 13.53 -18.16 -7.01
C GLU B 64 14.74 -18.66 -6.22
N GLN B 65 14.70 -18.44 -4.90
CA GLN B 65 15.70 -18.95 -3.96
C GLN B 65 15.00 -20.01 -3.11
N PHE B 66 15.10 -21.27 -3.52
CA PHE B 66 14.41 -22.37 -2.84
C PHE B 66 15.40 -22.97 -1.86
N LEU B 67 15.19 -22.67 -0.57
CA LEU B 67 16.13 -22.98 0.50
C LEU B 67 15.61 -24.07 1.42
N THR B 68 16.54 -24.86 1.96
CA THR B 68 16.25 -25.66 3.14
C THR B 68 16.37 -24.79 4.39
N HIS B 69 15.87 -25.31 5.51
CA HIS B 69 16.08 -24.61 6.78
C HIS B 69 17.56 -24.38 7.03
N GLU B 70 18.40 -25.40 6.80
CA GLU B 70 19.83 -25.25 7.03
C GLU B 70 20.41 -24.10 6.20
N GLN B 71 20.03 -24.03 4.92
CA GLN B 71 20.55 -22.98 4.06
C GLN B 71 20.06 -21.61 4.48
N HIS B 72 18.79 -21.52 4.89
CA HIS B 72 18.23 -20.28 5.41
C HIS B 72 19.03 -19.80 6.63
N VAL B 73 19.31 -20.70 7.56
CA VAL B 73 20.08 -20.32 8.73
C VAL B 73 21.50 -19.91 8.33
N ALA B 74 22.14 -20.68 7.46
CA ALA B 74 23.51 -20.34 7.05
C ALA B 74 23.57 -18.95 6.42
N PHE B 75 22.62 -18.65 5.55
CA PHE B 75 22.53 -17.31 4.97
C PHE B 75 22.39 -16.24 6.04
N SER B 76 21.44 -16.47 6.97
CA SER B 76 21.23 -15.52 8.07
C SER B 76 22.51 -15.28 8.85
N ALA B 77 23.26 -16.33 9.14
CA ALA B 77 24.43 -16.23 10.01
C ALA B 77 25.55 -15.42 9.37
N GLN B 78 25.51 -15.22 8.05
CA GLN B 78 26.52 -14.38 7.42
C GLN B 78 26.27 -12.90 7.68
N PHE B 79 25.13 -12.55 8.26
CA PHE B 79 24.80 -11.17 8.54
C PHE B 79 24.63 -10.86 10.02
N GLY B 80 24.57 -11.87 10.89
CA GLY B 80 24.44 -11.62 12.31
C GLY B 80 24.24 -12.91 13.08
N GLU B 81 23.79 -12.76 14.33
CA GLU B 81 23.55 -13.89 15.21
C GLU B 81 22.07 -14.21 15.14
N PRO B 82 21.66 -15.38 14.65
CA PRO B 82 20.22 -15.67 14.62
C PRO B 82 19.66 -15.84 16.03
N THR B 83 18.47 -15.29 16.27
CA THR B 83 17.78 -15.56 17.52
C THR B 83 17.44 -17.05 17.60
N LEU B 84 17.20 -17.55 18.83
CA LEU B 84 17.20 -18.99 19.07
C LEU B 84 15.86 -19.55 19.58
N GLY B 85 14.75 -18.89 19.29
CA GLY B 85 13.46 -19.55 19.28
C GLY B 85 12.70 -19.50 20.59
N HIS B 86 11.43 -19.92 20.51
CA HIS B 86 10.49 -20.12 21.61
C HIS B 86 10.09 -21.60 21.69
N PRO B 87 9.89 -22.14 22.90
CA PRO B 87 9.52 -23.55 23.01
C PRO B 87 8.33 -23.97 22.13
N VAL B 88 7.36 -23.07 21.90
CA VAL B 88 6.10 -23.45 21.29
C VAL B 88 5.82 -22.60 20.05
N PHE B 89 5.85 -21.29 20.22
CA PHE B 89 5.43 -20.36 19.17
C PHE B 89 6.38 -20.44 17.97
N GLY B 90 5.82 -20.86 16.83
CA GLY B 90 6.58 -20.97 15.60
C GLY B 90 7.63 -22.04 15.60
N HIS B 91 7.68 -22.89 16.64
CA HIS B 91 8.79 -23.80 16.85
C HIS B 91 8.92 -24.80 15.71
N VAL B 92 10.14 -24.98 15.23
CA VAL B 92 10.46 -25.99 14.22
C VAL B 92 11.44 -26.96 14.84
N ASP B 93 11.05 -28.23 14.95
CA ASP B 93 11.93 -29.26 15.51
C ASP B 93 13.29 -29.25 14.83
N GLY B 94 14.36 -29.23 15.63
CA GLY B 94 15.71 -29.29 15.12
C GLY B 94 16.29 -27.97 14.60
N HIS B 95 15.51 -26.88 14.62
CA HIS B 95 15.94 -25.61 14.02
C HIS B 95 15.47 -24.48 14.91
N PRO B 96 16.18 -24.23 16.01
CA PRO B 96 15.74 -23.20 16.96
C PRO B 96 15.75 -21.80 16.36
N GLU B 97 16.48 -21.59 15.27
CA GLU B 97 16.53 -20.29 14.61
C GLU B 97 15.33 -20.00 13.73
N VAL B 98 14.56 -21.02 13.37
CA VAL B 98 13.57 -20.89 12.31
C VAL B 98 12.17 -20.84 12.92
N TYR B 99 11.43 -19.79 12.58
CA TYR B 99 10.08 -19.58 13.07
C TYR B 99 9.10 -19.91 11.95
N SER B 100 8.14 -20.77 12.24
CA SER B 100 7.13 -21.15 11.27
C SER B 100 6.00 -20.12 11.25
N ILE B 101 5.66 -19.64 10.05
CA ILE B 101 4.59 -18.66 9.83
C ILE B 101 3.57 -19.32 8.90
N SER B 102 2.44 -19.75 9.45
CA SER B 102 1.48 -20.47 8.60
C SER B 102 0.02 -20.00 8.72
N GLN B 113 -14.40 -7.26 14.66
CA GLN B 113 -13.81 -7.59 15.96
C GLN B 113 -12.65 -6.66 16.31
N ALA B 114 -11.88 -6.26 15.30
CA ALA B 114 -10.74 -5.39 15.50
C ALA B 114 -11.10 -3.93 15.23
N LEU B 115 -10.42 -3.02 15.93
CA LEU B 115 -10.60 -1.60 15.72
C LEU B 115 -9.60 -1.17 14.65
N LEU B 116 -10.10 -0.73 13.50
CA LEU B 116 -9.25 -0.52 12.34
C LEU B 116 -9.01 0.96 12.14
N ARG B 117 -7.74 1.36 12.17
CA ARG B 117 -7.26 2.70 11.85
C ARG B 117 -6.21 2.54 10.76
N PRO B 118 -5.78 3.62 10.10
CA PRO B 118 -4.80 3.45 9.01
C PRO B 118 -3.48 2.82 9.45
N TRP B 119 -3.09 2.96 10.71
CA TRP B 119 -1.84 2.38 11.20
C TRP B 119 -2.00 0.98 11.81
N THR B 120 -3.21 0.44 11.84
CA THR B 120 -3.45 -0.84 12.51
C THR B 120 -2.63 -1.94 11.86
N GLY B 121 -1.90 -2.69 12.68
CA GLY B 121 -1.10 -3.78 12.19
C GLY B 121 0.31 -3.41 11.79
N TRP B 122 0.59 -2.11 11.58
CA TRP B 122 1.94 -1.68 11.28
C TRP B 122 2.81 -1.79 12.52
N HIS B 123 4.01 -2.36 12.36
CA HIS B 123 4.84 -2.56 13.55
C HIS B 123 6.29 -2.80 13.16
N THR B 124 7.16 -2.56 14.14
CA THR B 124 8.56 -2.95 14.08
C THR B 124 8.70 -4.12 15.05
N ASP B 125 9.38 -5.17 14.62
CA ASP B 125 9.32 -6.43 15.38
C ASP B 125 9.95 -6.29 16.77
N VAL B 126 9.24 -6.81 17.77
CA VAL B 126 9.72 -6.99 19.14
C VAL B 126 10.23 -5.69 19.77
N THR B 127 9.63 -4.55 19.43
CA THR B 127 10.11 -3.34 20.10
C THR B 127 9.66 -3.26 21.54
N ALA B 128 8.83 -4.19 22.03
CA ALA B 128 8.60 -4.22 23.48
C ALA B 128 9.83 -4.69 24.24
N ALA B 129 10.83 -5.24 23.57
CA ALA B 129 12.02 -5.75 24.25
C ALA B 129 13.12 -4.71 24.27
N LEU B 130 14.09 -4.92 25.15
CA LEU B 130 15.18 -3.96 25.30
C LEU B 130 16.02 -3.86 24.04
N ASN B 131 16.29 -4.99 23.39
CA ASN B 131 17.13 -5.02 22.19
C ASN B 131 16.35 -5.71 21.07
N PRO B 132 15.51 -4.96 20.35
CA PRO B 132 14.75 -5.57 19.26
C PRO B 132 15.70 -6.09 18.20
N PRO B 133 15.33 -7.15 17.48
CA PRO B 133 16.22 -7.69 16.45
C PRO B 133 16.48 -6.66 15.37
N TRP B 134 17.71 -6.65 14.85
CA TRP B 134 18.01 -5.60 13.87
C TRP B 134 17.49 -5.97 12.49
N ALA B 135 17.26 -7.24 12.21
CA ALA B 135 16.79 -7.63 10.89
C ALA B 135 16.02 -8.93 10.99
N SER B 136 15.20 -9.19 9.97
CA SER B 136 14.57 -10.49 9.81
C SER B 136 14.70 -10.93 8.36
N ILE B 137 14.67 -12.25 8.15
CA ILE B 137 14.77 -12.87 6.83
C ILE B 137 13.61 -13.84 6.72
N LEU B 138 12.65 -13.50 5.88
CA LEU B 138 11.41 -14.26 5.71
C LEU B 138 11.39 -14.91 4.34
N ARG B 139 11.20 -16.23 4.29
CA ARG B 139 11.20 -16.94 3.01
C ARG B 139 9.86 -17.63 2.78
N GLY B 140 9.38 -17.57 1.53
CA GLY B 140 8.11 -18.15 1.17
C GLY B 140 8.28 -19.53 0.56
N VAL B 141 7.65 -20.52 1.18
CA VAL B 141 7.70 -21.90 0.72
C VAL B 141 6.43 -22.32 0.00
N THR B 142 5.28 -22.12 0.65
CA THR B 142 3.97 -22.41 0.06
C THR B 142 3.22 -21.09 -0.03
N ILE B 143 3.02 -20.59 -1.25
CA ILE B 143 2.55 -19.22 -1.43
C ILE B 143 1.32 -19.22 -2.32
N PRO B 144 0.25 -18.54 -1.89
CA PRO B 144 -0.97 -18.50 -2.68
C PRO B 144 -0.75 -17.82 -4.01
N PRO B 145 -1.53 -18.18 -5.03
CA PRO B 145 -1.45 -17.43 -6.31
C PRO B 145 -1.72 -15.96 -6.16
N TYR B 146 -2.56 -15.57 -5.21
CA TYR B 146 -2.74 -14.15 -4.91
C TYR B 146 -3.25 -14.04 -3.49
N GLY B 147 -3.19 -12.82 -2.97
CA GLY B 147 -3.44 -12.56 -1.56
C GLY B 147 -2.17 -12.73 -0.76
N GLY B 148 -2.09 -12.02 0.36
CA GLY B 148 -0.98 -12.20 1.28
C GLY B 148 0.21 -11.29 1.08
N ASP B 149 0.04 -10.17 0.38
CA ASP B 149 1.17 -9.26 0.21
C ASP B 149 1.63 -8.68 1.56
N THR B 150 2.89 -8.32 1.63
CA THR B 150 3.43 -7.64 2.81
C THR B 150 3.84 -6.23 2.39
N GLN B 151 3.75 -5.29 3.32
CA GLN B 151 4.19 -3.91 3.06
C GLN B 151 5.21 -3.48 4.12
N TRP B 152 6.11 -2.58 3.71
CA TRP B 152 7.10 -1.97 4.60
C TRP B 152 7.02 -0.45 4.46
N THR B 153 7.34 0.26 5.54
CA THR B 153 7.45 1.70 5.44
C THR B 153 8.83 2.14 5.93
N ASN B 154 9.31 3.25 5.37
CA ASN B 154 10.64 3.78 5.62
C ASN B 154 10.55 4.81 6.74
N LEU B 155 11.00 4.43 7.94
CA LEU B 155 10.88 5.30 9.10
C LEU B 155 12.04 6.30 9.22
N ALA B 156 13.13 6.08 8.49
CA ALA B 156 14.13 7.15 8.38
C ALA B 156 13.57 8.30 7.55
N LEU B 157 12.98 7.98 6.39
CA LEU B 157 12.29 8.98 5.58
C LEU B 157 11.16 9.64 6.36
N ALA B 158 10.37 8.85 7.09
CA ALA B 158 9.30 9.43 7.88
C ALA B 158 9.81 10.52 8.81
N TYR B 159 10.94 10.26 9.48
CA TYR B 159 11.52 11.28 10.35
C TYR B 159 11.89 12.52 9.54
N GLU B 160 12.60 12.31 8.44
CA GLU B 160 13.09 13.44 7.66
C GLU B 160 11.94 14.28 7.13
N LYS B 161 10.79 13.66 6.89
CA LYS B 161 9.63 14.37 6.32
C LYS B 161 8.76 15.05 7.37
N LEU B 162 8.99 14.81 8.66
CA LEU B 162 8.43 15.71 9.66
C LEU B 162 9.00 17.10 9.43
N SER B 163 8.21 18.13 9.77
CA SER B 163 8.76 19.48 9.72
C SER B 163 9.85 19.64 10.77
N ALA B 164 10.71 20.66 10.57
CA ALA B 164 11.82 20.89 11.49
C ALA B 164 11.37 21.02 12.95
N PRO B 165 10.33 21.79 13.29
CA PRO B 165 9.95 21.88 14.70
C PRO B 165 9.46 20.55 15.26
N LEU B 166 8.77 19.75 14.46
CA LEU B 166 8.36 18.43 14.93
C LEU B 166 9.57 17.51 15.11
N ARG B 167 10.53 17.56 14.18
CA ARG B 167 11.74 16.76 14.35
C ARG B 167 12.44 17.10 15.66
N ALA B 168 12.65 18.39 15.94
CA ALA B 168 13.31 18.80 17.17
C ALA B 168 12.52 18.36 18.39
N PHE B 169 11.19 18.37 18.28
CA PHE B 169 10.32 17.95 19.37
C PHE B 169 10.46 16.45 19.66
N VAL B 170 10.29 15.59 18.65
CA VAL B 170 10.32 14.16 18.91
C VAL B 170 11.73 13.70 19.27
N ASP B 171 12.76 14.45 18.87
CA ASP B 171 14.14 14.09 19.24
C ASP B 171 14.25 13.88 20.75
N GLY B 172 13.51 14.67 21.52
CA GLY B 172 13.65 14.67 22.97
C GLY B 172 12.69 13.75 23.69
N LEU B 173 11.86 13.01 22.96
CA LEU B 173 10.79 12.23 23.57
C LEU B 173 11.16 10.75 23.65
N ARG B 174 10.58 10.08 24.66
CA ARG B 174 10.74 8.64 24.87
C ARG B 174 9.34 8.02 24.81
N GLY B 175 9.28 6.74 24.43
CA GLY B 175 8.02 6.04 24.33
C GLY B 175 8.09 4.67 24.99
N VAL B 176 6.97 4.26 25.58
CA VAL B 176 6.85 2.97 26.25
C VAL B 176 6.21 1.98 25.28
N HIS B 177 6.91 0.89 25.01
CA HIS B 177 6.43 -0.19 24.15
C HIS B 177 6.07 -1.38 25.01
N ARG B 178 4.94 -2.03 24.72
CA ARG B 178 4.45 -3.14 25.54
C ARG B 178 3.97 -4.26 24.64
N PHE B 179 4.14 -5.48 25.14
CA PHE B 179 3.63 -6.68 24.49
C PHE B 179 3.23 -7.69 25.55
N THR B 180 2.05 -8.28 25.39
CA THR B 180 1.57 -9.32 26.29
C THR B 180 1.47 -10.63 25.52
N PRO B 181 2.33 -11.61 25.79
CA PRO B 181 2.26 -12.87 25.05
C PRO B 181 0.96 -13.59 25.36
N PRO B 182 0.44 -14.39 24.41
CA PRO B 182 -0.73 -15.27 24.60
C PRO B 182 -0.58 -16.18 25.80
N VAL B 199 4.65 -10.16 30.71
CA VAL B 199 4.53 -8.87 30.04
C VAL B 199 5.89 -8.21 29.80
N LEU B 200 6.07 -7.69 28.59
CA LEU B 200 7.31 -7.07 28.14
C LEU B 200 7.06 -5.56 28.05
N VAL B 201 7.88 -4.76 28.72
CA VAL B 201 7.72 -3.30 28.71
C VAL B 201 9.09 -2.66 28.63
N THR B 202 9.30 -1.79 27.63
CA THR B 202 10.59 -1.14 27.45
C THR B 202 10.36 0.31 27.08
N GLU B 203 11.20 1.20 27.61
CA GLU B 203 11.20 2.60 27.22
C GLU B 203 12.26 2.82 26.13
N HIS B 204 11.83 3.23 24.95
CA HIS B 204 12.71 3.49 23.82
C HIS B 204 12.70 4.97 23.48
N PRO B 205 13.76 5.48 22.85
CA PRO B 205 13.67 6.82 22.26
C PRO B 205 12.62 6.82 21.15
N LEU B 206 11.89 7.93 21.02
CA LEU B 206 10.99 8.07 19.89
CA LEU B 206 10.99 8.07 19.89
C LEU B 206 11.77 8.21 18.59
N VAL B 207 13.01 8.71 18.66
CA VAL B 207 13.87 8.86 17.50
C VAL B 207 15.09 7.99 17.74
N ARG B 208 15.25 6.93 16.94
CA ARG B 208 16.39 6.05 17.11
C ARG B 208 17.50 6.43 16.15
N VAL B 209 18.73 6.56 16.67
CA VAL B 209 19.87 6.87 15.83
C VAL B 209 20.46 5.58 15.30
N HIS B 210 20.40 5.40 13.98
CA HIS B 210 20.77 4.15 13.34
C HIS B 210 22.25 3.86 13.59
N PRO B 211 22.58 2.68 14.12
CA PRO B 211 23.98 2.43 14.53
C PRO B 211 24.96 2.28 13.38
N GLU B 212 24.51 2.01 12.16
CA GLU B 212 25.43 1.92 11.03
C GLU B 212 25.43 3.17 10.15
N THR B 213 24.30 3.83 9.96
CA THR B 213 24.27 4.98 9.08
C THR B 213 24.21 6.31 9.83
N GLY B 214 23.93 6.30 11.13
CA GLY B 214 23.73 7.54 11.87
C GLY B 214 22.43 8.26 11.60
N GLU B 215 21.57 7.72 10.73
CA GLU B 215 20.32 8.37 10.43
C GLU B 215 19.37 8.32 11.63
N ARG B 216 18.58 9.37 11.75
CA ARG B 216 17.50 9.43 12.72
C ARG B 216 16.28 8.73 12.14
N VAL B 217 15.66 7.88 12.94
CA VAL B 217 14.54 7.04 12.54
C VAL B 217 13.37 7.34 13.45
N LEU B 218 12.19 7.55 12.87
CA LEU B 218 10.98 7.79 13.64
C LEU B 218 10.49 6.44 14.15
N TYR B 219 10.91 6.09 15.37
CA TYR B 219 10.83 4.73 15.89
C TYR B 219 9.47 4.48 16.55
N VAL B 220 8.39 4.54 15.77
CA VAL B 220 7.05 4.65 16.38
C VAL B 220 6.23 3.36 16.27
N SER B 221 6.84 2.24 15.92
CA SER B 221 6.26 0.88 15.99
C SER B 221 4.78 0.82 16.41
N PRO B 222 3.84 1.04 15.49
CA PRO B 222 2.45 1.34 15.93
C PRO B 222 1.78 0.24 16.75
N SER B 223 2.05 -1.04 16.50
CA SER B 223 1.37 -2.07 17.27
C SER B 223 1.82 -2.10 18.73
N PHE B 224 3.03 -1.64 19.04
CA PHE B 224 3.59 -1.84 20.37
C PHE B 224 3.84 -0.55 21.14
N LEU B 225 4.01 0.59 20.47
CA LEU B 225 4.21 1.83 21.19
C LEU B 225 2.87 2.29 21.77
N LYS B 226 2.82 2.42 23.10
CA LYS B 226 1.58 2.69 23.81
C LYS B 226 1.46 4.12 24.33
N SER B 227 2.56 4.75 24.73
CA SER B 227 2.47 6.07 25.33
C SER B 227 3.80 6.82 25.17
N ILE B 228 3.70 8.14 25.15
CA ILE B 228 4.87 9.01 25.17
C ILE B 228 5.14 9.38 26.62
N VAL B 229 6.40 9.20 27.06
CA VAL B 229 6.76 9.45 28.45
C VAL B 229 6.65 10.94 28.75
N GLY B 230 6.06 11.28 29.90
CA GLY B 230 6.17 12.63 30.40
C GLY B 230 5.16 13.62 29.87
N VAL B 231 4.22 13.18 29.02
CA VAL B 231 3.13 14.04 28.57
C VAL B 231 1.82 13.47 29.10
N THR B 232 0.73 14.26 29.00
CA THR B 232 -0.54 13.77 29.54
C THR B 232 -1.11 12.69 28.62
N PRO B 233 -2.05 11.88 29.13
CA PRO B 233 -2.58 10.80 28.28
C PRO B 233 -3.19 11.30 26.98
N ARG B 234 -3.89 12.44 27.01
CA ARG B 234 -4.47 12.93 25.75
C ARG B 234 -3.39 13.50 24.83
N GLU B 235 -2.41 14.23 25.39
CA GLU B 235 -1.30 14.67 24.56
C GLU B 235 -0.63 13.50 23.87
N SER B 236 -0.39 12.42 24.63
CA SER B 236 0.25 11.24 24.07
C SER B 236 -0.60 10.64 22.96
N GLU B 237 -1.88 10.43 23.24
CA GLU B 237 -2.79 9.86 22.25
C GLU B 237 -2.80 10.68 20.96
N ALA B 238 -2.96 12.00 21.08
CA ALA B 238 -3.06 12.84 19.89
C ALA B 238 -1.76 12.89 19.11
N LEU B 239 -0.62 12.98 19.82
CA LEU B 239 0.67 13.00 19.13
C LEU B 239 0.97 11.66 18.46
N LEU B 240 0.67 10.54 19.13
CA LEU B 240 0.93 9.26 18.49
C LEU B 240 0.06 9.09 17.25
N GLU B 241 -1.20 9.53 17.29
CA GLU B 241 -2.02 9.39 16.08
C GLU B 241 -1.48 10.24 14.95
N LEU B 242 -0.99 11.44 15.26
CA LEU B 242 -0.33 12.27 14.24
C LEU B 242 0.87 11.55 13.65
N LEU B 243 1.76 11.02 14.51
CA LEU B 243 2.98 10.39 14.01
C LEU B 243 2.68 9.09 13.28
N TRP B 244 1.67 8.33 13.73
CA TRP B 244 1.36 7.05 13.09
C TRP B 244 0.74 7.27 11.71
N GLU B 245 -0.18 8.22 11.59
CA GLU B 245 -0.71 8.60 10.29
CA GLU B 245 -0.69 8.55 10.27
C GLU B 245 0.43 9.01 9.35
N HIS B 246 1.37 9.80 9.88
CA HIS B 246 2.49 10.26 9.07
C HIS B 246 3.38 9.09 8.65
N ALA B 247 3.68 8.18 9.56
CA ALA B 247 4.64 7.13 9.26
C ALA B 247 4.14 6.14 8.23
N THR B 248 2.83 6.13 7.97
CA THR B 248 2.25 5.18 7.04
C THR B 248 1.77 5.87 5.76
N ARG B 249 2.28 7.08 5.46
CA ARG B 249 2.02 7.69 4.16
C ARG B 249 2.36 6.69 3.05
N PRO B 250 1.50 6.58 2.02
CA PRO B 250 1.78 5.60 0.95
C PRO B 250 3.12 5.82 0.27
N GLU B 251 3.53 7.09 0.12
CA GLU B 251 4.79 7.36 -0.55
C GLU B 251 6.02 6.94 0.27
N PHE B 252 5.84 6.53 1.53
CA PHE B 252 6.94 5.98 2.31
C PHE B 252 7.02 4.46 2.24
N THR B 253 6.15 3.82 1.46
CA THR B 253 5.95 2.38 1.56
C THR B 253 6.32 1.64 0.28
N VAL B 254 6.52 0.33 0.43
CA VAL B 254 6.64 -0.59 -0.69
C VAL B 254 5.80 -1.81 -0.37
N ARG B 255 5.21 -2.40 -1.40
CA ARG B 255 4.39 -3.60 -1.26
C ARG B 255 5.02 -4.76 -2.04
N PHE B 256 4.93 -5.97 -1.50
CA PHE B 256 5.63 -7.12 -2.10
C PHE B 256 4.63 -8.26 -2.26
N LYS B 257 4.47 -8.73 -3.48
CA LYS B 257 3.66 -9.92 -3.76
C LYS B 257 4.57 -11.13 -3.76
N TRP B 258 4.34 -12.04 -2.81
CA TRP B 258 5.15 -13.24 -2.64
C TRP B 258 4.96 -14.22 -3.78
N GLU B 259 6.02 -14.97 -4.06
CA GLU B 259 5.95 -16.18 -4.86
C GLU B 259 6.77 -17.25 -4.14
N ALA B 260 6.51 -18.51 -4.47
CA ALA B 260 7.31 -19.57 -3.89
C ALA B 260 8.79 -19.30 -4.18
N GLY B 261 9.62 -19.48 -3.17
CA GLY B 261 11.03 -19.19 -3.30
C GLY B 261 11.41 -17.73 -3.14
N SER B 262 10.48 -16.84 -2.80
CA SER B 262 10.86 -15.47 -2.56
C SER B 262 11.42 -15.32 -1.15
N VAL B 263 12.25 -14.29 -0.99
CA VAL B 263 12.85 -13.97 0.30
C VAL B 263 12.76 -12.47 0.50
N ALA B 264 12.39 -12.05 1.72
CA ALA B 264 12.46 -10.65 2.12
C ALA B 264 13.42 -10.51 3.29
N PHE B 265 14.31 -9.52 3.23
CA PHE B 265 15.38 -9.32 4.20
C PHE B 265 15.30 -7.83 4.56
N TRP B 266 14.83 -7.49 5.76
CA TRP B 266 14.61 -6.10 6.07
C TRP B 266 15.35 -5.65 7.32
N ASP B 267 15.62 -4.34 7.35
CA ASP B 267 16.32 -3.66 8.45
C ASP B 267 15.26 -3.14 9.40
N ASN B 268 15.09 -3.86 10.53
CA ASN B 268 14.13 -3.47 11.55
CA ASN B 268 14.16 -3.52 11.60
C ASN B 268 14.53 -2.22 12.30
N ARG B 269 15.74 -1.72 12.10
CA ARG B 269 16.11 -0.47 12.74
C ARG B 269 15.59 0.75 12.00
N ALA B 270 15.05 0.57 10.79
CA ALA B 270 14.67 1.68 9.95
C ALA B 270 13.29 1.51 9.32
N THR B 271 12.55 0.47 9.70
CA THR B 271 11.28 0.16 9.04
C THR B 271 10.25 -0.26 10.05
N ALA B 272 8.99 -0.18 9.62
CA ALA B 272 7.90 -0.97 10.16
C ALA B 272 7.29 -1.73 9.00
N HIS B 273 6.54 -2.79 9.31
CA HIS B 273 5.92 -3.58 8.24
C HIS B 273 4.49 -3.96 8.63
N LEU B 274 3.77 -4.45 7.64
CA LEU B 274 2.34 -4.72 7.75
C LEU B 274 2.10 -6.12 7.19
N ALA B 275 1.71 -7.07 8.06
CA ALA B 275 1.38 -8.42 7.59
C ALA B 275 0.02 -8.41 6.90
N PRO B 276 -0.24 -9.35 5.99
CA PRO B 276 -1.49 -9.32 5.24
C PRO B 276 -2.70 -9.63 6.10
N THR B 277 -3.81 -9.00 5.77
CA THR B 277 -5.11 -9.47 6.24
C THR B 277 -6.02 -9.90 5.11
N ASP B 278 -5.72 -9.56 3.85
CA ASP B 278 -6.61 -9.99 2.78
C ASP B 278 -6.59 -11.51 2.56
N ILE B 279 -5.67 -12.25 3.18
CA ILE B 279 -5.65 -13.71 3.05
C ILE B 279 -6.73 -14.41 3.87
N PHE B 280 -7.29 -13.75 4.89
CA PHE B 280 -8.29 -14.41 5.72
C PHE B 280 -9.53 -14.79 4.92
N ASP B 281 -9.76 -14.13 3.78
CA ASP B 281 -10.93 -14.38 2.93
C ASP B 281 -10.71 -15.50 1.92
N LEU B 282 -9.50 -16.05 1.82
CA LEU B 282 -9.16 -17.00 0.77
C LEU B 282 -8.83 -18.37 1.37
N ASP B 283 -9.03 -19.41 0.57
CA ASP B 283 -8.83 -20.80 1.00
C ASP B 283 -7.42 -21.32 0.69
N PHE B 284 -6.50 -20.46 0.31
CA PHE B 284 -5.16 -20.88 -0.08
C PHE B 284 -4.27 -21.16 1.13
N ASP B 285 -3.51 -22.24 1.07
CA ASP B 285 -2.46 -22.49 2.05
C ASP B 285 -1.36 -21.44 1.90
N ARG B 286 -0.72 -21.08 3.01
CA ARG B 286 0.37 -20.11 3.03
C ARG B 286 1.37 -20.55 4.11
N GLN B 287 2.60 -20.87 3.70
CA GLN B 287 3.64 -21.30 4.63
C GLN B 287 4.93 -20.53 4.36
N LEU B 288 5.40 -19.80 5.36
CA LEU B 288 6.68 -19.09 5.28
C LEU B 288 7.50 -19.48 6.50
N TYR B 289 8.79 -19.12 6.47
CA TYR B 289 9.67 -19.35 7.61
C TYR B 289 10.54 -18.12 7.80
N ARG B 290 10.80 -17.79 9.06
CA ARG B 290 11.49 -16.55 9.38
C ARG B 290 12.69 -16.86 10.27
N THR B 291 13.79 -16.15 10.02
CA THR B 291 14.87 -16.04 10.99
C THR B 291 15.00 -14.57 11.35
N THR B 292 15.54 -14.29 12.54
CA THR B 292 15.79 -12.90 12.87
C THR B 292 17.15 -12.79 13.54
N LEU B 293 17.75 -11.62 13.45
CA LEU B 293 19.12 -11.40 13.85
C LEU B 293 19.14 -10.53 15.11
N VAL B 294 19.91 -10.96 16.11
CA VAL B 294 19.97 -10.26 17.40
C VAL B 294 20.43 -8.83 17.21
N GLY B 295 19.69 -7.89 17.80
CA GLY B 295 19.98 -6.48 17.70
C GLY B 295 20.64 -5.91 18.95
N ASP B 296 21.10 -4.67 18.83
CA ASP B 296 21.71 -3.96 19.92
CA ASP B 296 21.71 -3.97 19.95
C ASP B 296 20.66 -3.09 20.62
N VAL B 297 21.06 -2.44 21.71
CA VAL B 297 20.10 -1.58 22.42
C VAL B 297 19.98 -0.25 21.68
N PRO B 298 18.77 0.24 21.41
CA PRO B 298 18.63 1.54 20.73
C PRO B 298 19.18 2.69 21.55
N VAL B 299 19.57 3.74 20.84
CA VAL B 299 20.06 4.99 21.42
CA VAL B 299 20.01 4.98 21.46
C VAL B 299 19.34 6.14 20.73
N GLY B 300 18.95 7.15 21.52
CA GLY B 300 18.32 8.33 20.97
C GLY B 300 19.33 9.41 20.64
N PRO B 301 18.86 10.53 20.10
CA PRO B 301 19.78 11.61 19.70
C PRO B 301 20.60 12.17 20.86
N ASP B 302 20.13 12.03 22.10
CA ASP B 302 20.90 12.46 23.28
C ASP B 302 21.87 11.39 23.76
N GLY B 303 21.99 10.27 23.07
CA GLY B 303 22.90 9.23 23.50
C GLY B 303 22.34 8.30 24.56
N ARG B 304 21.13 8.53 25.05
CA ARG B 304 20.55 7.67 26.08
C ARG B 304 20.05 6.37 25.49
N GLN B 305 20.50 5.26 26.05
CA GLN B 305 19.99 3.94 25.68
C GLN B 305 18.56 3.75 26.16
N SER B 306 17.84 2.87 25.47
CA SER B 306 16.57 2.38 25.95
C SER B 306 16.72 1.76 27.34
N VAL B 307 15.61 1.66 28.06
CA VAL B 307 15.60 1.19 29.44
C VAL B 307 14.52 0.13 29.59
N ALA B 308 14.89 -1.04 30.11
CA ALA B 308 13.89 -2.06 30.39
C ALA B 308 13.04 -1.65 31.59
N ILE B 309 11.74 -1.92 31.50
CA ILE B 309 10.81 -1.70 32.61
C ILE B 309 10.30 -3.03 33.18
N GLU B 310 9.84 -3.92 32.31
CA GLU B 310 9.40 -5.25 32.71
C GLU B 310 9.80 -6.24 31.63
N GLY B 311 9.87 -7.51 32.00
CA GLY B 311 10.01 -8.53 30.99
C GLY B 311 10.71 -9.76 31.53
N SER B 312 10.70 -10.79 30.69
CA SER B 312 11.33 -12.06 30.99
C SER B 312 11.90 -12.59 29.69
N PRO B 313 12.95 -13.39 29.75
CA PRO B 313 13.48 -14.00 28.53
C PRO B 313 12.46 -14.77 27.72
N VAL B 314 11.56 -15.52 28.37
CA VAL B 314 10.59 -16.31 27.62
C VAL B 314 9.56 -15.41 26.94
N SER B 315 9.13 -14.33 27.63
CA SER B 315 8.21 -13.39 27.00
C SER B 315 8.85 -12.71 25.80
N ALA B 316 10.15 -12.40 25.90
CA ALA B 316 10.84 -11.80 24.75
C ALA B 316 10.92 -12.78 23.58
N ALA B 317 11.22 -14.05 23.87
CA ALA B 317 11.25 -15.06 22.81
C ALA B 317 9.87 -15.24 22.17
N ALA B 318 8.80 -15.13 22.97
CA ALA B 318 7.46 -15.19 22.41
C ALA B 318 7.20 -14.03 21.45
N ALA B 319 7.66 -12.83 21.83
CA ALA B 319 7.48 -11.69 20.94
C ALA B 319 8.30 -11.87 19.67
N VAL B 320 9.56 -12.32 19.78
CA VAL B 320 10.35 -12.62 18.59
C VAL B 320 9.59 -13.59 17.70
N ALA B 321 8.97 -14.61 18.29
CA ALA B 321 8.31 -15.63 17.50
C ALA B 321 7.02 -15.13 16.87
N LEU B 322 6.32 -14.20 17.52
CA LEU B 322 4.96 -13.86 17.12
C LEU B 322 4.82 -12.52 16.42
N ASN B 323 5.70 -11.55 16.69
CA ASN B 323 5.60 -10.20 16.08
C ASN B 323 5.90 -10.22 14.57
#